data_3KA0
#
_entry.id   3KA0
#
_cell.length_a   253.508
_cell.length_b   253.508
_cell.length_c   253.508
_cell.angle_alpha   90.00
_cell.angle_beta   90.00
_cell.angle_gamma   90.00
#
_symmetry.space_group_name_H-M   'F 41 3 2'
#
loop_
_entity.id
_entity.type
_entity.pdbx_description
1 polymer 'MAP kinase-activated protein kinase 2'
2 non-polymer 6-{5-[(2-aminopyrimidin-4-yl)amino]-2-hydroxyphenyl}-N-methylidene-1-benzothiophene-2-carboxamide
3 water water
#
_entity_poly.entity_id   1
_entity_poly.type   'polypeptide(L)'
_entity_poly.pdbx_seq_one_letter_code
;HVKSGLQIKKNAIIDDYKVTSQVLGLGINGKVLQIFNKRTQEKFALKMLQDCPKARREVELHWRASQCPHIVRIVDVYEN
LYAGRKCLLIVMECLDGGELFSRIQDRGDQAFTEREASEIMKSIGEAIQYLHSINIAHRDVKPENLLYTSKRPNAILKLT
DFGFAKETTSHNSLTEPCYTPYYVAPEVLGPEKYDKSCDMWSLGVIMYILLCGYPPFYSNHGLAISPGMKTRIRMGQYEF
PNPEWSEVSEEVKMLIRNLLKTEPTQRMTITEFMNHPWIMQSTKVPQTPLHTSRVLKEDKERWEDVKEEMTSALATMRVD
;
_entity_poly.pdbx_strand_id   A
#
loop_
_chem_comp.id
_chem_comp.type
_chem_comp.name
_chem_comp.formula
MK3 non-polymer 6-{5-[(2-aminopyrimidin-4-yl)amino]-2-hydroxyphenyl}-N-methylidene-1-benzothiophene-2-carboxamide 'C20 H15 N5 O2 S'
#
# COMPACT_ATOMS: atom_id res chain seq x y z
N HIS A 1 -22.81 -12.81 -3.34
CA HIS A 1 -22.89 -11.58 -4.19
C HIS A 1 -23.38 -10.31 -3.47
N VAL A 2 -24.41 -10.42 -2.64
CA VAL A 2 -24.95 -9.27 -1.92
C VAL A 2 -24.28 -9.06 -0.57
N LYS A 3 -23.56 -7.97 -0.45
CA LYS A 3 -22.94 -7.64 0.81
C LYS A 3 -23.67 -6.42 1.41
N SER A 4 -23.56 -6.23 2.72
CA SER A 4 -24.28 -5.15 3.36
C SER A 4 -23.65 -3.83 3.00
N GLY A 5 -24.46 -2.76 2.99
CA GLY A 5 -23.95 -1.43 2.78
C GLY A 5 -23.33 -0.87 4.03
N LEU A 6 -22.76 0.32 3.93
CA LEU A 6 -22.03 0.92 5.04
C LEU A 6 -22.93 1.58 6.03
N GLN A 7 -22.78 1.25 7.31
CA GLN A 7 -23.62 1.86 8.34
C GLN A 7 -22.80 2.61 9.38
N ILE A 8 -22.93 3.92 9.34
CA ILE A 8 -22.17 4.73 10.26
C ILE A 8 -22.89 4.80 11.59
N LYS A 9 -22.28 4.17 12.58
CA LYS A 9 -22.71 4.22 13.96
C LYS A 9 -22.58 5.64 14.55
N LYS A 10 -23.52 6.04 15.41
CA LYS A 10 -23.52 7.39 15.94
C LYS A 10 -23.35 7.40 17.46
N ASN A 11 -23.33 6.23 18.08
CA ASN A 11 -23.02 6.14 19.49
C ASN A 11 -21.55 6.44 19.81
N ALA A 12 -21.27 6.86 21.03
CA ALA A 12 -19.90 7.18 21.42
C ALA A 12 -19.03 5.95 21.22
N ILE A 13 -17.98 6.09 20.44
CA ILE A 13 -17.12 4.95 20.12
C ILE A 13 -16.64 4.24 21.39
N ILE A 14 -16.50 4.98 22.48
CA ILE A 14 -16.02 4.44 23.78
C ILE A 14 -16.99 3.48 24.47
N ASP A 15 -18.12 3.23 23.84
CA ASP A 15 -19.07 2.25 24.32
C ASP A 15 -18.61 0.88 23.88
N ASP A 16 -17.85 0.85 22.79
CA ASP A 16 -17.60 -0.38 22.11
C ASP A 16 -16.12 -0.76 22.17
N TYR A 17 -15.25 0.25 22.28
CA TYR A 17 -13.78 0.09 22.30
C TYR A 17 -13.18 0.86 23.46
N LYS A 18 -12.16 0.29 24.09
CA LYS A 18 -11.29 1.01 25.03
C LYS A 18 -10.45 1.99 24.21
N VAL A 19 -10.66 3.27 24.46
CA VAL A 19 -9.88 4.34 23.83
C VAL A 19 -9.78 5.41 24.93
N THR A 20 -8.59 6.02 25.08
CA THR A 20 -8.38 7.05 26.12
C THR A 20 -8.22 8.44 25.52
N SER A 21 -8.29 9.48 26.35
CA SER A 21 -8.13 10.86 25.83
C SER A 21 -6.73 11.08 25.21
N GLN A 22 -5.72 10.47 25.81
CA GLN A 22 -4.36 10.51 25.25
C GLN A 22 -4.29 9.83 23.90
N VAL A 23 -4.89 8.63 23.80
CA VAL A 23 -4.87 7.91 22.52
C VAL A 23 -5.90 8.48 21.51
N LEU A 24 -6.71 9.43 21.97
CA LEU A 24 -7.63 10.21 21.13
C LEU A 24 -6.99 11.50 20.60
N GLY A 25 -6.24 12.17 21.48
CA GLY A 25 -5.57 13.43 21.17
C GLY A 25 -4.51 13.26 20.09
N LEU A 26 -3.83 12.12 20.10
CA LEU A 26 -2.84 11.81 19.06
C LEU A 26 -3.49 11.49 17.72
N GLY A 27 -4.79 11.16 17.76
CA GLY A 27 -5.55 10.77 16.57
C GLY A 27 -5.88 11.90 15.62
N ILE A 28 -6.44 12.99 16.15
CA ILE A 28 -6.77 14.19 15.35
C ILE A 28 -5.61 14.64 14.46
N ASN A 29 -4.41 14.22 14.84
CA ASN A 29 -3.23 14.48 14.05
C ASN A 29 -2.83 13.22 13.27
N GLY A 30 -3.76 12.70 12.47
CA GLY A 30 -3.45 11.67 11.47
C GLY A 30 -3.04 10.25 11.90
N LYS A 31 -2.30 10.12 13.00
CA LYS A 31 -1.77 8.83 13.43
C LYS A 31 -2.85 7.76 13.64
N VAL A 32 -2.54 6.52 13.25
CA VAL A 32 -3.47 5.46 13.53
C VAL A 32 -3.06 4.71 14.79
N LEU A 33 -4.04 4.18 15.51
CA LEU A 33 -3.79 3.75 16.88
C LEU A 33 -4.35 2.38 17.26
N GLN A 34 -3.76 1.80 18.31
CA GLN A 34 -4.11 0.54 18.94
C GLN A 34 -5.34 0.76 19.77
N ILE A 35 -6.46 0.14 19.40
CA ILE A 35 -7.61 0.11 20.32
C ILE A 35 -8.13 -1.31 20.61
N PHE A 36 -8.98 -1.49 21.64
CA PHE A 36 -9.52 -2.83 21.98
C PHE A 36 -11.04 -2.94 22.03
N ASN A 37 -11.59 -3.94 21.36
CA ASN A 37 -13.05 -4.21 21.38
C ASN A 37 -13.50 -4.77 22.71
N LYS A 38 -14.34 -4.06 23.47
CA LYS A 38 -14.76 -4.48 24.84
C LYS A 38 -15.39 -5.89 25.00
N ARG A 39 -16.35 -6.19 24.12
CA ARG A 39 -17.05 -7.48 23.99
C ARG A 39 -16.10 -8.66 23.64
N THR A 40 -15.21 -8.50 22.68
CA THR A 40 -14.36 -9.61 22.25
C THR A 40 -12.90 -9.61 22.75
N GLN A 41 -12.41 -8.43 23.13
CA GLN A 41 -11.00 -8.15 23.51
C GLN A 41 -9.98 -8.06 22.37
N GLU A 42 -10.42 -8.35 21.16
CA GLU A 42 -9.53 -8.29 20.03
C GLU A 42 -8.96 -6.88 19.80
N LYS A 43 -7.81 -6.85 19.13
CA LYS A 43 -7.04 -5.65 18.83
C LYS A 43 -7.50 -5.11 17.49
N PHE A 44 -7.74 -3.80 17.41
CA PHE A 44 -8.13 -3.13 16.17
C PHE A 44 -7.32 -1.84 15.98
N ALA A 45 -7.40 -1.25 14.78
CA ALA A 45 -6.76 0.03 14.50
C ALA A 45 -7.77 1.18 14.33
N LEU A 46 -7.50 2.30 14.98
CA LEU A 46 -8.32 3.49 14.82
C LEU A 46 -7.64 4.57 13.99
N LYS A 47 -8.35 5.15 13.05
CA LYS A 47 -7.89 6.34 12.34
C LYS A 47 -8.96 7.41 12.41
N MET A 48 -8.59 8.63 12.81
CA MET A 48 -9.52 9.73 13.07
C MET A 48 -9.47 10.81 12.01
N LEU A 49 -10.63 11.21 11.51
CA LEU A 49 -10.70 12.26 10.54
C LEU A 49 -11.66 13.31 11.02
N GLN A 50 -11.47 14.54 10.56
CA GLN A 50 -12.48 15.57 10.76
C GLN A 50 -13.49 15.37 9.68
N ASP A 51 -14.76 15.41 10.03
CA ASP A 51 -15.78 15.23 9.02
C ASP A 51 -15.66 16.36 8.02
N CYS A 52 -15.68 16.02 6.74
CA CYS A 52 -15.62 16.97 5.64
C CYS A 52 -15.67 16.11 4.37
N PRO A 53 -16.06 16.70 3.23
CA PRO A 53 -16.19 15.94 2.00
C PRO A 53 -15.05 14.98 1.70
N LYS A 54 -13.80 15.42 1.88
CA LYS A 54 -12.63 14.53 1.65
C LYS A 54 -12.69 13.28 2.51
N ALA A 55 -12.91 13.46 3.83
CA ALA A 55 -13.00 12.34 4.74
C ALA A 55 -14.13 11.39 4.36
N ARG A 56 -15.28 11.93 3.98
CA ARG A 56 -16.39 11.11 3.55
C ARG A 56 -16.02 10.32 2.30
N ARG A 57 -15.23 10.93 1.43
CA ARG A 57 -14.82 10.25 0.21
C ARG A 57 -13.98 9.04 0.61
N GLU A 58 -13.01 9.27 1.49
CA GLU A 58 -12.06 8.23 1.82
C GLU A 58 -12.79 7.02 2.37
N VAL A 59 -13.51 7.23 3.48
CA VAL A 59 -14.35 6.22 4.11
C VAL A 59 -15.19 5.46 3.10
N GLU A 60 -15.85 6.17 2.22
CA GLU A 60 -16.70 5.53 1.24
C GLU A 60 -15.89 4.60 0.38
N LEU A 61 -14.79 5.09 -0.20
CA LEU A 61 -14.00 4.26 -1.11
C LEU A 61 -13.39 3.07 -0.37
N HIS A 62 -12.90 3.33 0.82
CA HIS A 62 -12.23 2.30 1.56
C HIS A 62 -13.22 1.18 1.92
N TRP A 63 -14.45 1.56 2.26
CA TRP A 63 -15.46 0.60 2.63
C TRP A 63 -15.66 -0.27 1.41
N ARG A 64 -15.85 0.35 0.26
CA ARG A 64 -16.05 -0.39 -1.00
C ARG A 64 -14.94 -1.38 -1.32
N ALA A 65 -13.72 -1.07 -0.91
CA ALA A 65 -12.59 -1.88 -1.24
C ALA A 65 -12.28 -2.91 -0.17
N SER A 66 -12.88 -2.80 1.02
CA SER A 66 -12.52 -3.63 2.17
C SER A 66 -12.67 -5.11 1.88
N GLN A 67 -13.59 -5.39 0.99
CA GLN A 67 -13.94 -6.74 0.57
C GLN A 67 -12.73 -7.51 0.12
N CYS A 68 -11.86 -6.85 -0.65
CA CYS A 68 -10.68 -7.48 -1.18
C CYS A 68 -9.86 -8.14 -0.08
N PRO A 69 -9.45 -9.39 -0.33
CA PRO A 69 -8.55 -10.06 0.57
C PRO A 69 -7.23 -9.32 0.78
N HIS A 70 -6.89 -8.35 -0.08
CA HIS A 70 -5.57 -7.72 -0.01
C HIS A 70 -5.61 -6.25 0.36
N ILE A 71 -6.70 -5.84 0.99
CA ILE A 71 -6.89 -4.46 1.40
C ILE A 71 -7.41 -4.46 2.82
N VAL A 72 -6.84 -3.60 3.66
CA VAL A 72 -7.23 -3.53 5.07
C VAL A 72 -8.71 -3.34 5.19
N ARG A 73 -9.31 -4.20 6.00
CA ARG A 73 -10.74 -4.17 6.22
C ARG A 73 -11.19 -3.06 7.18
N ILE A 74 -12.16 -2.24 6.74
CA ILE A 74 -12.88 -1.38 7.67
C ILE A 74 -13.85 -2.29 8.39
N VAL A 75 -13.91 -2.18 9.70
CA VAL A 75 -14.71 -3.02 10.53
C VAL A 75 -15.94 -2.24 11.03
N ASP A 76 -15.74 -0.96 11.33
CA ASP A 76 -16.79 -0.06 11.77
C ASP A 76 -16.39 1.37 11.45
N VAL A 77 -17.38 2.26 11.29
CA VAL A 77 -17.12 3.68 11.17
C VAL A 77 -18.05 4.45 12.10
N TYR A 78 -17.48 5.32 12.92
CA TYR A 78 -18.28 6.09 13.85
C TYR A 78 -18.31 7.54 13.46
N GLU A 79 -19.46 8.17 13.66
CA GLU A 79 -19.58 9.60 13.54
C GLU A 79 -19.79 10.17 14.91
N ASN A 80 -18.75 10.77 15.48
CA ASN A 80 -18.84 11.26 16.84
C ASN A 80 -18.50 12.72 16.91
N LEU A 81 -18.70 13.28 18.09
CA LEU A 81 -18.46 14.66 18.35
C LEU A 81 -17.24 14.71 19.25
N TYR A 82 -16.12 15.20 18.73
CA TYR A 82 -14.91 15.24 19.52
C TYR A 82 -14.54 16.67 19.81
N ALA A 83 -14.54 17.04 21.09
CA ALA A 83 -14.29 18.45 21.47
C ALA A 83 -15.11 19.43 20.62
N GLY A 84 -16.44 19.26 20.64
CA GLY A 84 -17.36 20.05 19.81
C GLY A 84 -17.03 20.15 18.32
N ARG A 85 -16.48 19.07 17.77
CA ARG A 85 -16.09 19.06 16.36
C ARG A 85 -16.42 17.69 15.74
N LYS A 86 -17.18 17.69 14.65
CA LYS A 86 -17.59 16.43 14.00
C LYS A 86 -16.44 15.61 13.47
N CYS A 87 -16.45 14.33 13.79
CA CYS A 87 -15.37 13.46 13.43
C CYS A 87 -15.85 12.18 12.88
N LEU A 88 -15.01 11.60 12.02
CA LEU A 88 -15.20 10.26 11.52
C LEU A 88 -14.14 9.40 12.14
N LEU A 89 -14.55 8.44 12.97
CA LEU A 89 -13.62 7.50 13.59
C LEU A 89 -13.69 6.19 12.84
N ILE A 90 -12.62 5.81 12.15
CA ILE A 90 -12.62 4.60 11.35
C ILE A 90 -11.97 3.41 12.06
N VAL A 91 -12.69 2.31 12.21
CA VAL A 91 -12.13 1.15 12.91
C VAL A 91 -11.68 0.07 11.94
N MET A 92 -10.43 -0.35 12.05
CA MET A 92 -9.83 -1.26 11.07
C MET A 92 -9.21 -2.48 11.71
N GLU A 93 -9.09 -3.52 10.90
CA GLU A 93 -8.37 -4.71 11.29
C GLU A 93 -6.97 -4.32 11.66
N CYS A 94 -6.42 -5.04 12.61
CA CYS A 94 -5.11 -4.76 13.10
C CYS A 94 -4.04 -5.48 12.27
N LEU A 95 -2.97 -4.74 11.92
CA LEU A 95 -1.85 -5.31 11.14
C LEU A 95 -0.50 -5.36 11.87
N ASP A 96 -0.36 -6.37 12.73
CA ASP A 96 0.83 -6.58 13.58
C ASP A 96 2.15 -6.74 12.84
N GLY A 97 2.08 -7.13 11.56
CA GLY A 97 3.27 -7.55 10.83
C GLY A 97 4.25 -6.48 10.40
N GLY A 98 3.87 -5.21 10.50
CA GLY A 98 4.76 -4.14 10.04
C GLY A 98 4.79 -4.01 8.53
N GLU A 99 5.62 -3.08 8.06
CA GLU A 99 5.63 -2.68 6.65
C GLU A 99 6.40 -3.66 5.79
N LEU A 100 5.94 -3.86 4.57
CA LEU A 100 6.56 -4.80 3.64
C LEU A 100 8.08 -4.88 3.75
N PHE A 101 8.74 -3.76 3.54
CA PHE A 101 10.20 -3.76 3.46
C PHE A 101 10.91 -3.94 4.80
N SER A 102 10.22 -3.64 5.88
CA SER A 102 10.79 -3.90 7.20
C SER A 102 10.97 -5.40 7.41
N ARG A 103 10.04 -6.21 6.93
CA ARG A 103 10.18 -7.66 6.97
C ARG A 103 11.42 -8.12 6.21
N ILE A 104 11.41 -7.93 4.89
CA ILE A 104 12.51 -8.36 4.02
C ILE A 104 13.84 -8.04 4.70
N GLN A 105 13.85 -6.96 5.47
CA GLN A 105 15.02 -6.52 6.21
C GLN A 105 15.29 -7.41 7.44
N ASP A 106 15.39 -8.73 7.23
CA ASP A 106 15.59 -9.71 8.31
C ASP A 106 16.25 -11.00 7.83
N THR A 113 15.47 -14.05 -2.73
CA THR A 113 14.62 -14.98 -3.49
C THR A 113 13.64 -14.34 -4.48
N GLU A 114 13.85 -14.58 -5.77
CA GLU A 114 13.01 -14.04 -6.86
C GLU A 114 11.54 -14.48 -6.71
N ARG A 115 11.33 -15.73 -6.34
CA ARG A 115 9.99 -16.24 -6.14
C ARG A 115 9.25 -15.50 -5.00
N GLU A 116 9.94 -15.25 -3.89
CA GLU A 116 9.37 -14.46 -2.79
C GLU A 116 8.99 -13.05 -3.30
N ALA A 117 9.89 -12.44 -4.05
CA ALA A 117 9.60 -11.15 -4.67
C ALA A 117 8.36 -11.20 -5.54
N SER A 118 8.20 -12.28 -6.31
CA SER A 118 7.04 -12.39 -7.20
C SER A 118 5.75 -12.62 -6.45
N GLU A 119 5.80 -13.42 -5.39
CA GLU A 119 4.61 -13.75 -4.65
C GLU A 119 4.08 -12.48 -3.98
N ILE A 120 5.00 -11.59 -3.61
CA ILE A 120 4.64 -10.32 -3.04
C ILE A 120 3.93 -9.47 -4.11
N MET A 121 4.52 -9.34 -5.29
CA MET A 121 3.95 -8.44 -6.27
C MET A 121 2.59 -8.89 -6.73
N LYS A 122 2.37 -10.21 -6.78
CA LYS A 122 1.06 -10.74 -7.16
C LYS A 122 0.02 -10.26 -6.16
N SER A 123 0.43 -10.14 -4.90
CA SER A 123 -0.49 -9.70 -3.88
C SER A 123 -0.83 -8.25 -4.01
N ILE A 124 0.16 -7.39 -4.15
CA ILE A 124 -0.11 -6.01 -4.33
C ILE A 124 -0.93 -5.88 -5.60
N GLY A 125 -0.61 -6.76 -6.55
CA GLY A 125 -1.32 -6.85 -7.82
C GLY A 125 -2.81 -7.08 -7.68
N GLU A 126 -3.22 -7.95 -6.76
CA GLU A 126 -4.64 -8.18 -6.56
C GLU A 126 -5.33 -6.98 -5.96
N ALA A 127 -4.64 -6.29 -5.05
CA ALA A 127 -5.24 -5.11 -4.45
C ALA A 127 -5.55 -4.13 -5.57
N ILE A 128 -4.59 -3.92 -6.47
CA ILE A 128 -4.81 -2.96 -7.53
C ILE A 128 -5.88 -3.44 -8.53
N GLN A 129 -5.85 -4.72 -8.88
CA GLN A 129 -6.85 -5.21 -9.81
C GLN A 129 -8.26 -4.98 -9.26
N TYR A 130 -8.45 -5.27 -7.98
CA TYR A 130 -9.76 -5.12 -7.39
C TYR A 130 -10.21 -3.64 -7.48
N LEU A 131 -9.33 -2.75 -7.02
CA LEU A 131 -9.62 -1.35 -7.07
C LEU A 131 -10.00 -0.97 -8.52
N HIS A 132 -9.13 -1.31 -9.46
CA HIS A 132 -9.37 -0.86 -10.81
C HIS A 132 -10.67 -1.46 -11.37
N SER A 133 -10.99 -2.68 -11.00
CA SER A 133 -12.29 -3.29 -11.39
C SER A 133 -13.48 -2.50 -10.95
N ILE A 134 -13.39 -1.83 -9.81
CA ILE A 134 -14.51 -1.04 -9.35
C ILE A 134 -14.19 0.45 -9.52
N ASN A 135 -13.31 0.73 -10.47
CA ASN A 135 -13.07 2.11 -10.91
C ASN A 135 -12.47 3.01 -9.86
N ILE A 136 -11.67 2.47 -8.96
CA ILE A 136 -11.04 3.30 -7.96
C ILE A 136 -9.57 3.28 -8.29
N ALA A 137 -8.93 4.44 -8.21
CA ALA A 137 -7.49 4.48 -8.28
C ALA A 137 -6.97 4.93 -6.92
N HIS A 138 -5.92 4.27 -6.42
CA HIS A 138 -5.40 4.53 -5.07
C HIS A 138 -4.50 5.77 -5.04
N ARG A 139 -3.59 5.88 -6.01
CA ARG A 139 -2.74 7.05 -6.21
C ARG A 139 -1.73 7.34 -5.09
N ASP A 140 -1.60 6.46 -4.08
CA ASP A 140 -0.52 6.60 -3.09
C ASP A 140 0.03 5.24 -2.64
N VAL A 141 0.25 4.35 -3.60
CA VAL A 141 0.77 3.01 -3.32
C VAL A 141 2.25 3.15 -3.14
N LYS A 142 2.71 2.83 -1.93
CA LYS A 142 4.10 3.08 -1.54
C LYS A 142 4.45 2.28 -0.30
N PRO A 143 5.74 2.23 0.05
CA PRO A 143 6.19 1.31 1.07
C PRO A 143 5.33 1.29 2.35
N GLU A 144 5.03 2.46 2.91
CA GLU A 144 4.30 2.49 4.18
C GLU A 144 2.80 2.24 4.08
N ASN A 145 2.29 1.88 2.92
CA ASN A 145 0.89 1.56 2.84
C ASN A 145 0.72 0.11 2.53
N LEU A 146 1.80 -0.63 2.71
CA LEU A 146 1.77 -2.06 2.51
C LEU A 146 2.18 -2.77 3.78
N LEU A 147 1.19 -3.36 4.45
CA LEU A 147 1.37 -3.91 5.76
C LEU A 147 1.04 -5.39 5.77
N TYR A 148 1.70 -6.11 6.66
CA TYR A 148 1.52 -7.52 6.81
C TYR A 148 0.61 -7.78 8.00
N THR A 149 -0.38 -8.65 7.82
CA THR A 149 -1.37 -8.90 8.87
C THR A 149 -0.74 -9.24 10.22
N SER A 150 0.26 -10.13 10.20
CA SER A 150 0.93 -10.58 11.42
C SER A 150 2.42 -10.85 11.18
N LYS A 151 3.10 -11.31 12.23
CA LYS A 151 4.55 -11.51 12.19
C LYS A 151 4.95 -12.92 11.70
N ARG A 152 3.99 -13.70 11.23
CA ARG A 152 4.22 -15.07 10.76
C ARG A 152 4.82 -15.02 9.36
N PRO A 153 5.57 -16.07 8.98
CA PRO A 153 6.11 -16.15 7.62
C PRO A 153 5.01 -16.15 6.53
N ASN A 154 3.81 -16.56 6.91
CA ASN A 154 2.71 -16.75 5.96
C ASN A 154 1.63 -15.67 6.02
N ALA A 155 1.92 -14.56 6.71
CA ALA A 155 0.98 -13.43 6.78
C ALA A 155 0.56 -12.94 5.39
N ILE A 156 -0.64 -12.36 5.31
CA ILE A 156 -1.17 -11.77 4.09
C ILE A 156 -0.74 -10.29 4.05
N LEU A 157 -0.22 -9.85 2.91
CA LEU A 157 0.16 -8.45 2.75
C LEU A 157 -1.03 -7.65 2.29
N LYS A 158 -1.26 -6.49 2.92
CA LYS A 158 -2.45 -5.70 2.63
C LYS A 158 -2.19 -4.24 2.28
N LEU A 159 -2.94 -3.74 1.30
CA LEU A 159 -2.91 -2.32 0.93
C LEU A 159 -3.80 -1.48 1.85
N THR A 160 -3.29 -0.33 2.27
CA THR A 160 -3.97 0.53 3.20
C THR A 160 -3.96 2.00 2.77
N ASP A 161 -4.66 2.85 3.56
CA ASP A 161 -4.64 4.33 3.42
C ASP A 161 -5.21 4.88 2.13
N PHE A 162 -6.48 5.31 2.17
CA PHE A 162 -7.19 5.81 0.99
C PHE A 162 -7.43 7.30 1.01
N GLY A 163 -6.58 8.03 1.73
CA GLY A 163 -6.62 9.47 1.77
C GLY A 163 -6.57 10.13 0.41
N PHE A 164 -5.92 9.50 -0.58
CA PHE A 164 -5.86 10.04 -1.94
C PHE A 164 -6.55 9.20 -3.03
N ALA A 165 -7.35 8.20 -2.62
CA ALA A 165 -7.99 7.33 -3.60
C ALA A 165 -9.06 8.15 -4.28
N LYS A 166 -9.42 7.76 -5.49
CA LYS A 166 -10.24 8.59 -6.35
C LYS A 166 -11.03 7.71 -7.29
N GLU A 167 -12.32 7.94 -7.32
CA GLU A 167 -13.21 7.08 -8.05
C GLU A 167 -13.26 7.62 -9.42
N THR A 168 -12.90 6.80 -10.39
CA THR A 168 -12.80 7.23 -11.78
C THR A 168 -14.17 7.25 -12.45
N LYS A 193 -7.10 5.88 -18.64
CA LYS A 193 -6.96 6.61 -17.36
C LYS A 193 -5.55 6.81 -16.79
N TYR A 194 -5.29 8.09 -16.55
CA TYR A 194 -4.08 8.60 -15.96
C TYR A 194 -3.94 8.18 -14.49
N ASP A 195 -4.99 8.32 -13.70
CA ASP A 195 -4.94 7.89 -12.30
C ASP A 195 -4.48 6.45 -12.15
N LYS A 196 -5.12 5.53 -12.86
CA LYS A 196 -4.78 4.11 -12.76
C LYS A 196 -3.33 3.91 -13.09
N SER A 197 -2.86 4.52 -14.16
CA SER A 197 -1.45 4.34 -14.51
C SER A 197 -0.51 4.82 -13.41
N CYS A 198 -0.96 5.75 -12.57
CA CYS A 198 -0.18 6.09 -11.40
C CYS A 198 0.00 4.87 -10.47
N ASP A 199 -1.05 4.10 -10.22
CA ASP A 199 -0.90 2.85 -9.45
C ASP A 199 0.12 1.92 -10.12
N MET A 200 0.06 1.76 -11.46
CA MET A 200 1.03 0.90 -12.13
C MET A 200 2.48 1.34 -11.97
N TRP A 201 2.70 2.65 -11.99
CA TRP A 201 4.06 3.16 -11.79
C TRP A 201 4.59 2.76 -10.41
N SER A 202 3.77 2.88 -9.37
CA SER A 202 4.18 2.43 -8.04
C SER A 202 4.61 0.98 -8.08
N LEU A 203 3.79 0.14 -8.73
CA LEU A 203 4.11 -1.27 -8.85
C LEU A 203 5.52 -1.49 -9.40
N GLY A 204 5.84 -0.84 -10.52
CA GLY A 204 7.22 -0.80 -11.01
C GLY A 204 8.28 -0.43 -9.96
N VAL A 205 8.05 0.67 -9.25
CA VAL A 205 8.98 1.11 -8.22
C VAL A 205 9.13 0.07 -7.09
N ILE A 206 8.02 -0.44 -6.55
CA ILE A 206 8.09 -1.46 -5.50
C ILE A 206 8.81 -2.72 -6.00
N MET A 207 8.54 -3.12 -7.25
CA MET A 207 9.27 -4.24 -7.86
C MET A 207 10.76 -3.98 -7.89
N TYR A 208 11.16 -2.85 -8.46
CA TYR A 208 12.57 -2.57 -8.59
C TYR A 208 13.26 -2.81 -7.24
N ILE A 209 12.75 -2.15 -6.21
CA ILE A 209 13.30 -2.26 -4.86
C ILE A 209 13.25 -3.69 -4.36
N LEU A 210 12.15 -4.39 -4.58
CA LEU A 210 12.08 -5.79 -4.15
C LEU A 210 13.22 -6.63 -4.73
N LEU A 211 13.59 -6.37 -5.97
CA LEU A 211 14.57 -7.23 -6.58
C LEU A 211 16.02 -6.90 -6.24
N CYS A 212 16.28 -5.75 -5.61
CA CYS A 212 17.67 -5.37 -5.36
C CYS A 212 17.92 -4.64 -4.04
N GLY A 213 16.91 -3.95 -3.53
CA GLY A 213 17.03 -3.30 -2.23
C GLY A 213 17.30 -1.81 -2.25
N TYR A 214 17.21 -1.21 -3.43
CA TYR A 214 17.32 0.24 -3.56
C TYR A 214 16.45 0.69 -4.73
N PRO A 215 15.97 1.95 -4.70
CA PRO A 215 14.99 2.36 -5.70
C PRO A 215 15.69 2.71 -7.00
N PRO A 216 14.93 2.96 -8.09
CA PRO A 216 15.60 3.36 -9.29
C PRO A 216 15.90 4.85 -9.27
N PHE A 217 16.50 5.37 -10.35
CA PHE A 217 16.84 6.80 -10.48
C PHE A 217 18.04 7.22 -9.60
N TYR A 218 18.79 6.22 -9.13
CA TYR A 218 20.05 6.39 -8.37
C TYR A 218 21.10 7.02 -9.28
N GLY A 228 18.95 16.69 -10.89
CA GLY A 228 18.08 16.55 -9.74
C GLY A 228 17.30 15.24 -9.80
N MET A 229 16.62 14.92 -8.71
CA MET A 229 15.78 13.73 -8.65
C MET A 229 14.56 13.88 -9.56
N LYS A 230 13.85 15.00 -9.39
CA LYS A 230 12.70 15.34 -10.21
C LYS A 230 13.03 15.10 -11.69
N THR A 231 14.19 15.62 -12.14
CA THR A 231 14.63 15.51 -13.54
C THR A 231 14.83 14.05 -13.99
N ARG A 232 15.51 13.24 -13.18
CA ARG A 232 15.81 11.87 -13.55
C ARG A 232 14.56 11.04 -13.72
N ILE A 233 13.52 11.33 -12.91
CA ILE A 233 12.21 10.67 -13.03
C ILE A 233 11.52 11.09 -14.31
N ARG A 234 11.61 12.37 -14.65
CA ARG A 234 10.98 12.92 -15.84
C ARG A 234 11.54 12.23 -17.05
N MET A 235 12.82 11.90 -16.93
CA MET A 235 13.60 11.54 -18.07
C MET A 235 13.57 10.03 -18.18
N GLY A 236 13.14 9.37 -17.09
CA GLY A 236 13.14 7.90 -17.00
C GLY A 236 14.57 7.32 -16.92
N GLN A 237 15.44 8.03 -16.20
CA GLN A 237 16.86 7.73 -16.13
C GLN A 237 17.16 6.76 -15.00
N TYR A 238 17.06 5.47 -15.29
CA TYR A 238 17.41 4.41 -14.33
C TYR A 238 18.16 3.31 -15.07
N GLU A 239 18.80 2.42 -14.33
CA GLU A 239 19.51 1.28 -14.90
C GLU A 239 19.38 0.07 -13.98
N PHE A 240 19.84 -1.09 -14.45
CA PHE A 240 19.89 -2.29 -13.62
C PHE A 240 21.35 -2.67 -13.35
N PRO A 241 21.92 -2.15 -12.26
CA PRO A 241 23.33 -2.33 -12.01
C PRO A 241 23.68 -3.74 -11.58
N ASN A 242 24.79 -4.24 -12.14
CA ASN A 242 25.53 -5.33 -11.54
C ASN A 242 26.20 -4.75 -10.31
N PRO A 243 26.37 -5.55 -9.24
CA PRO A 243 26.13 -6.99 -9.23
C PRO A 243 24.64 -7.34 -9.07
N GLU A 244 23.94 -6.59 -8.22
CA GLU A 244 22.54 -6.88 -7.85
C GLU A 244 21.65 -7.47 -8.97
N TRP A 245 21.81 -6.97 -10.19
CA TRP A 245 20.92 -7.33 -11.29
C TRP A 245 21.46 -8.33 -12.32
N SER A 246 22.68 -8.82 -12.13
CA SER A 246 23.31 -9.68 -13.14
C SER A 246 22.55 -10.95 -13.47
N GLU A 247 22.02 -11.63 -12.46
CA GLU A 247 21.30 -12.90 -12.68
C GLU A 247 19.79 -12.70 -12.58
N VAL A 248 19.31 -11.59 -13.10
CA VAL A 248 17.87 -11.30 -13.16
C VAL A 248 17.40 -11.37 -14.61
N SER A 249 16.32 -12.11 -14.83
CA SER A 249 15.73 -12.36 -16.14
C SER A 249 15.48 -11.07 -16.95
N GLU A 250 15.86 -11.07 -18.22
CA GLU A 250 15.56 -9.94 -19.11
C GLU A 250 14.05 -9.70 -19.16
N GLU A 251 13.29 -10.80 -19.08
CA GLU A 251 11.84 -10.79 -18.99
C GLU A 251 11.39 -9.95 -17.79
N VAL A 252 11.95 -10.21 -16.63
CA VAL A 252 11.64 -9.42 -15.47
C VAL A 252 11.96 -7.93 -15.67
N LYS A 253 13.09 -7.63 -16.31
CA LYS A 253 13.52 -6.23 -16.44
C LYS A 253 12.61 -5.53 -17.40
N MET A 254 12.28 -6.23 -18.47
CA MET A 254 11.32 -5.73 -19.45
C MET A 254 10.03 -5.36 -18.75
N LEU A 255 9.63 -6.16 -17.76
CA LEU A 255 8.41 -5.90 -17.01
C LEU A 255 8.52 -4.60 -16.23
N ILE A 256 9.59 -4.45 -15.47
CA ILE A 256 9.83 -3.19 -14.77
C ILE A 256 9.84 -2.06 -15.78
N ARG A 257 10.56 -2.26 -16.87
CA ARG A 257 10.57 -1.28 -17.97
C ARG A 257 9.18 -0.86 -18.46
N ASN A 258 8.25 -1.79 -18.63
CA ASN A 258 6.88 -1.40 -19.00
C ASN A 258 6.17 -0.56 -17.92
N LEU A 259 6.33 -0.93 -16.66
CA LEU A 259 5.63 -0.23 -15.57
C LEU A 259 6.18 1.19 -15.37
N LEU A 260 7.49 1.36 -15.55
CA LEU A 260 8.13 2.64 -15.27
C LEU A 260 8.09 3.60 -16.46
N LYS A 261 7.50 3.17 -17.57
CA LYS A 261 7.33 4.05 -18.71
C LYS A 261 6.96 5.47 -18.31
N THR A 262 7.68 6.41 -18.87
CA THR A 262 7.54 7.79 -18.55
C THR A 262 6.23 8.37 -19.09
N GLU A 263 5.80 7.86 -20.24
CA GLU A 263 4.54 8.25 -20.85
C GLU A 263 3.44 7.34 -20.26
N PRO A 264 2.50 7.93 -19.48
CA PRO A 264 1.47 7.13 -18.80
C PRO A 264 0.69 6.17 -19.74
N THR A 265 0.24 6.65 -20.90
CA THR A 265 -0.51 5.80 -21.82
C THR A 265 0.31 4.63 -22.33
N GLN A 266 1.62 4.67 -22.11
CA GLN A 266 2.51 3.54 -22.47
C GLN A 266 2.59 2.43 -21.44
N ARG A 267 2.36 2.69 -20.15
CA ARG A 267 2.49 1.65 -19.09
C ARG A 267 1.52 0.49 -19.26
N MET A 268 1.87 -0.69 -18.75
CA MET A 268 0.89 -1.77 -18.87
C MET A 268 -0.24 -1.53 -17.89
N THR A 269 -1.37 -2.16 -18.16
CA THR A 269 -2.50 -2.00 -17.28
C THR A 269 -2.43 -3.08 -16.20
N ILE A 270 -3.30 -3.04 -15.19
CA ILE A 270 -3.27 -4.10 -14.16
C ILE A 270 -3.56 -5.49 -14.74
N THR A 271 -4.48 -5.57 -15.70
CA THR A 271 -4.82 -6.83 -16.32
C THR A 271 -3.59 -7.41 -17.02
N GLU A 272 -2.86 -6.60 -17.75
CA GLU A 272 -1.69 -7.12 -18.44
C GLU A 272 -0.60 -7.52 -17.42
N PHE A 273 -0.46 -6.75 -16.35
CA PHE A 273 0.46 -7.07 -15.29
C PHE A 273 0.10 -8.41 -14.70
N MET A 274 -1.17 -8.58 -14.36
CA MET A 274 -1.66 -9.75 -13.68
C MET A 274 -1.63 -10.99 -14.56
N ASN A 275 -1.50 -10.82 -15.87
CA ASN A 275 -1.38 -11.93 -16.83
C ASN A 275 0.06 -12.18 -17.26
N HIS A 276 0.99 -11.40 -16.73
CA HIS A 276 2.38 -11.62 -17.09
C HIS A 276 2.87 -12.92 -16.47
N PRO A 277 3.57 -13.76 -17.25
CA PRO A 277 4.06 -15.05 -16.73
C PRO A 277 4.72 -14.95 -15.37
N TRP A 278 5.60 -13.97 -15.19
CA TRP A 278 6.31 -13.76 -13.94
C TRP A 278 5.38 -13.61 -12.74
N ILE A 279 4.21 -13.01 -12.97
CA ILE A 279 3.23 -12.77 -11.92
C ILE A 279 2.24 -13.90 -11.86
N MET A 280 1.78 -14.32 -13.04
CA MET A 280 0.68 -15.26 -13.21
C MET A 280 1.03 -16.64 -12.62
N GLN A 281 2.20 -17.15 -12.97
CA GLN A 281 2.72 -18.39 -12.40
C GLN A 281 3.91 -18.14 -11.47
N SER A 282 3.55 -17.72 -10.26
CA SER A 282 4.47 -17.33 -9.19
C SER A 282 5.16 -18.54 -8.59
N THR A 283 4.95 -19.70 -9.21
CA THR A 283 5.46 -20.98 -8.74
C THR A 283 5.93 -21.76 -9.97
N LYS A 284 6.84 -21.12 -10.69
CA LYS A 284 7.48 -21.65 -11.88
C LYS A 284 8.59 -20.62 -12.06
N VAL A 285 8.64 -19.72 -11.07
CA VAL A 285 9.65 -18.68 -11.00
C VAL A 285 10.81 -19.19 -10.14
N PRO A 286 12.03 -19.12 -10.70
CA PRO A 286 13.26 -19.60 -10.09
C PRO A 286 13.50 -19.05 -8.69
N GLN A 287 13.87 -19.94 -7.78
CA GLN A 287 14.17 -19.61 -6.38
C GLN A 287 15.48 -18.82 -6.25
N THR A 288 15.89 -18.13 -7.31
CA THR A 288 17.19 -17.45 -7.34
C THR A 288 17.32 -16.39 -6.25
N PRO A 289 18.43 -16.43 -5.49
CA PRO A 289 18.65 -15.47 -4.38
C PRO A 289 18.87 -14.03 -4.84
N LEU A 290 18.51 -13.10 -3.96
CA LEU A 290 18.54 -11.68 -4.24
C LEU A 290 19.35 -10.95 -3.18
N HIS A 291 20.07 -9.91 -3.59
CA HIS A 291 20.85 -9.11 -2.66
C HIS A 291 19.99 -8.18 -1.81
N THR A 292 18.68 -8.20 -2.04
CA THR A 292 17.72 -7.26 -1.42
C THR A 292 17.89 -7.08 0.08
N SER A 293 17.82 -8.18 0.81
CA SER A 293 17.80 -8.15 2.28
C SER A 293 19.08 -7.57 2.90
N ARG A 294 20.23 -7.93 2.33
CA ARG A 294 21.51 -7.37 2.78
C ARG A 294 21.59 -5.88 2.48
N VAL A 295 21.26 -5.51 1.25
CA VAL A 295 21.34 -4.13 0.78
C VAL A 295 20.40 -3.25 1.58
N LEU A 296 19.20 -3.74 1.81
CA LEU A 296 18.19 -3.01 2.54
C LEU A 296 18.65 -2.80 3.97
N LYS A 297 19.62 -3.62 4.41
CA LYS A 297 20.15 -3.54 5.76
C LYS A 297 21.33 -2.57 5.84
N GLU A 298 22.33 -2.71 4.97
CA GLU A 298 23.46 -1.77 4.93
C GLU A 298 22.99 -0.35 4.60
N ASP A 299 22.21 -0.25 3.53
CA ASP A 299 21.72 1.01 2.99
C ASP A 299 20.50 1.57 3.76
N LYS A 300 20.19 1.00 4.92
CA LYS A 300 19.19 1.63 5.80
C LYS A 300 19.79 2.94 6.32
N GLU A 301 18.91 3.86 6.72
CA GLU A 301 19.27 5.27 6.99
C GLU A 301 18.95 6.10 5.76
N ARG A 302 19.22 5.55 4.57
CA ARG A 302 18.71 6.12 3.34
C ARG A 302 17.22 5.85 3.21
N TRP A 303 16.74 4.82 3.90
CA TRP A 303 15.36 4.38 3.75
C TRP A 303 14.34 5.49 4.03
N GLU A 304 14.61 6.30 5.05
CA GLU A 304 13.78 7.46 5.33
C GLU A 304 13.78 8.44 4.17
N ASP A 305 14.90 8.57 3.47
CA ASP A 305 14.98 9.48 2.33
C ASP A 305 14.24 8.95 1.09
N VAL A 306 14.21 7.63 0.91
CA VAL A 306 13.52 7.09 -0.26
C VAL A 306 12.02 7.06 -0.05
N LYS A 307 11.58 6.74 1.16
CA LYS A 307 10.19 6.90 1.53
C LYS A 307 9.75 8.32 1.23
N GLU A 308 10.64 9.29 1.46
CA GLU A 308 10.32 10.71 1.31
C GLU A 308 10.24 11.11 -0.17
N GLU A 309 11.25 10.74 -0.93
CA GLU A 309 11.25 11.01 -2.36
C GLU A 309 10.03 10.39 -3.02
N MET A 310 9.76 9.11 -2.78
CA MET A 310 8.62 8.45 -3.40
C MET A 310 7.30 9.07 -3.03
N THR A 311 7.18 9.59 -1.81
CA THR A 311 5.95 10.24 -1.40
C THR A 311 5.69 11.50 -2.25
N SER A 312 6.75 12.20 -2.61
CA SER A 312 6.57 13.43 -3.33
C SER A 312 6.55 13.21 -4.84
N ALA A 313 7.21 12.16 -5.31
CA ALA A 313 7.03 11.75 -6.67
C ALA A 313 5.52 11.54 -6.84
N LEU A 314 4.94 10.68 -6.01
CA LEU A 314 3.50 10.43 -6.07
C LEU A 314 2.68 11.70 -5.98
N ALA A 315 3.03 12.57 -5.05
CA ALA A 315 2.31 13.84 -4.87
C ALA A 315 2.39 14.67 -6.17
N THR A 316 3.52 14.55 -6.87
CA THR A 316 3.73 15.28 -8.10
C THR A 316 2.87 14.73 -9.26
N MET A 317 2.61 13.42 -9.28
CA MET A 317 1.86 12.88 -10.41
C MET A 317 0.37 12.98 -10.24
N ARG A 318 -0.08 13.24 -9.02
CA ARG A 318 -1.50 13.48 -8.77
C ARG A 318 -1.90 14.81 -9.40
C1 MK3 B . -4.79 3.87 6.87
N1 MK3 B . -4.12 2.96 7.58
O1 MK3 B . -4.06 -2.12 11.54
S1 MK3 B . -0.01 -3.13 15.14
C2 MK3 B . -3.23 5.46 7.25
N2 MK3 B . -4.39 5.14 6.67
O2 MK3 B . 0.77 -3.53 18.42
C3 MK3 B . -2.48 4.59 8.00
N3 MK3 B . -5.99 3.48 6.29
C4 MK3 B . -2.96 3.31 8.15
N4 MK3 B . -2.21 2.41 8.92
C5 MK3 B . -2.73 1.26 9.54
N5 MK3 B . 2.66 -2.56 17.55
C6 MK3 B . -2.14 0.84 10.71
C7 MK3 B . -2.53 -0.28 11.44
C8 MK3 B . -3.58 -0.99 10.91
C9 MK3 B . -4.20 -0.62 9.74
C10 MK3 B . -3.78 0.51 9.05
C11 MK3 B . -1.81 -0.52 12.68
C12 MK3 B . -1.55 0.59 13.45
C13 MK3 B . -0.88 0.62 14.65
C14 MK3 B . -1.36 -1.74 13.13
C15 MK3 B . -0.68 -1.75 14.34
C16 MK3 B . -0.43 -0.61 15.10
C17 MK3 B . 0.28 -0.89 16.30
C18 MK3 B . 0.59 -2.22 16.47
C19 MK3 B . 1.30 -2.84 17.57
C20 MK3 B . 3.55 -3.14 16.57
#